data_7XGR
#
_entry.id   7XGR
#
_cell.length_a   1.00
_cell.length_b   1.00
_cell.length_c   1.00
_cell.angle_alpha   90.00
_cell.angle_beta   90.00
_cell.angle_gamma   90.00
#
_symmetry.space_group_name_H-M   'P 1'
#
_entity_poly.entity_id   1
_entity_poly.type   'polypeptide(L)'
_entity_poly.pdbx_seq_one_letter_code
;GHMKKRKARSLLPLSTSLDHRSKEELHQDCLVLATAKHSRELNEDVSADVEERFHLGLFTDRATLYRMIDIEGKGHLENG
HPELFHQLMLWKGDLKGVLQTAAERGELTDNLVAMAPAAGYHVWLWAVEAFAKQLCFQDQYVKAASHLLSIHKVYEAVEL
LKSNHFYREAIAIAKARLRPEDPVLKDLYLSWGTVLERDGHYAVAAKCYLGATCAYDAAKVLAKKGDAASLRTAAELAAI
VGEDELSASLALRCAQELLLANNWVGAQEALQLHESLQGQRLVFCLLELLSRHLEEKQLSEGKSSSSYHTWNTGTEGPFV
ERVTAVWKSIFSLDTPEQYQEAFQKLQNIKYPSATNNTPAKQLLLHICHDLTLAVLSQQMASWDEAVQALLRAVVRSYDS
GSFTIMQEVYSAFLPDGCDHLRDKLGDHQSPATPAFKSLEAFFLYGRLYEFWWSLSRPCPNSSVWVRAGHRTLSVEPSQQ
LDTASTEETDPETSQPEPNRPSELDLRLTEEGERMLSTFKELFSEKHASLQNSQRTVAEVQETLAEMIRQHQKSQLCKST
ANGPDKNEPEVEAEQPLCSSQSQCKEEKNEPLSLPELTKRLTEANQRMAKFPESIKAWPFPDVLECCLVLLLIRSHFPGC
LAQEMQQQAQELLQKYGNTKTYRRHCQTFCM
;
_entity_poly.pdbx_strand_id   A
#
# COMPACT_ATOMS: atom_id res chain seq x y z
N SER A 10 -16.98 60.30 25.38
CA SER A 10 -17.15 58.89 25.06
C SER A 10 -16.75 58.03 26.25
N LEU A 11 -15.75 58.48 27.00
CA LEU A 11 -15.29 57.73 28.16
C LEU A 11 -16.01 58.12 29.44
N LEU A 12 -16.61 59.31 29.48
CA LEU A 12 -17.42 59.77 30.61
C LEU A 12 -18.77 60.22 30.07
N PRO A 13 -19.58 59.29 29.57
CA PRO A 13 -20.77 59.68 28.81
C PRO A 13 -21.94 60.16 29.67
N LEU A 14 -22.09 59.56 30.86
CA LEU A 14 -23.21 59.93 31.71
C LEU A 14 -23.12 61.37 32.15
N SER A 15 -21.94 61.83 32.56
CA SER A 15 -21.79 63.23 32.96
C SER A 15 -21.82 64.15 31.75
N THR A 16 -21.32 63.68 30.61
CA THR A 16 -21.33 64.50 29.40
C THR A 16 -22.75 64.86 29.00
N SER A 17 -23.69 63.93 29.15
CA SER A 17 -25.08 64.24 28.87
C SER A 17 -25.71 65.03 30.01
N LEU A 18 -25.36 64.70 31.25
CA LEU A 18 -26.00 65.33 32.39
C LEU A 18 -25.73 66.82 32.46
N ASP A 19 -24.54 67.26 32.07
CA ASP A 19 -24.27 68.70 32.08
C ASP A 19 -24.81 69.40 30.83
N HIS A 20 -25.45 68.65 29.93
CA HIS A 20 -26.09 69.21 28.75
C HIS A 20 -27.60 69.34 28.92
N ARG A 21 -28.10 69.16 30.13
CA ARG A 21 -29.53 69.25 30.39
C ARG A 21 -29.97 70.70 30.27
N SER A 22 -31.25 70.95 30.53
CA SER A 22 -31.80 72.29 30.37
C SER A 22 -31.21 73.25 31.41
N LYS A 23 -31.26 74.54 31.10
CA LYS A 23 -30.80 75.55 32.04
C LYS A 23 -31.65 75.58 33.29
N GLU A 24 -32.84 74.99 33.27
CA GLU A 24 -33.61 74.85 34.50
C GLU A 24 -32.84 74.04 35.53
N GLU A 25 -32.30 72.90 35.12
CA GLU A 25 -31.55 72.04 36.03
C GLU A 25 -30.05 72.32 36.00
N LEU A 26 -29.61 73.29 35.20
CA LEU A 26 -28.21 73.70 35.27
C LEU A 26 -28.01 74.84 36.25
N HIS A 27 -29.10 75.39 36.79
CA HIS A 27 -28.96 76.51 37.72
C HIS A 27 -29.01 76.03 39.16
N GLN A 28 -29.92 75.10 39.47
CA GLN A 28 -29.84 74.42 40.76
C GLN A 28 -28.53 73.65 40.85
N ASP A 29 -27.99 73.23 39.71
CA ASP A 29 -26.73 72.49 39.69
C ASP A 29 -25.57 73.35 40.19
N CYS A 30 -25.52 74.63 39.78
CA CYS A 30 -24.43 75.49 40.20
C CYS A 30 -24.52 75.83 41.68
N LEU A 31 -25.74 76.10 42.16
CA LEU A 31 -25.94 76.48 43.55
C LEU A 31 -25.66 75.33 44.52
N VAL A 32 -25.92 74.09 44.12
CA VAL A 32 -25.46 72.95 44.92
C VAL A 32 -23.95 72.94 44.95
N LEU A 33 -23.31 73.16 43.80
CA LEU A 33 -21.86 73.23 43.73
C LEU A 33 -21.32 74.39 44.56
N ALA A 34 -21.97 75.55 44.49
CA ALA A 34 -21.52 76.70 45.27
C ALA A 34 -21.61 76.41 46.76
N THR A 35 -22.70 75.78 47.18
CA THR A 35 -22.87 75.47 48.61
C THR A 35 -21.80 74.50 49.09
N ALA A 36 -21.47 73.49 48.28
CA ALA A 36 -20.49 72.49 48.70
C ALA A 36 -19.15 73.12 49.02
N LYS A 37 -18.67 74.02 48.15
CA LYS A 37 -17.39 74.67 48.39
C LYS A 37 -17.45 75.56 49.62
N HIS A 38 -18.54 76.28 49.82
CA HIS A 38 -18.69 77.17 50.97
C HIS A 38 -19.84 76.72 51.87
N SER A 47 -24.81 67.65 53.47
CA SER A 47 -24.21 67.56 52.14
C SER A 47 -24.89 66.46 51.32
N ALA A 48 -26.11 66.11 51.73
CA ALA A 48 -26.85 65.06 51.03
C ALA A 48 -27.34 65.50 49.65
N ASP A 49 -27.24 66.80 49.33
CA ASP A 49 -27.72 67.29 48.05
C ASP A 49 -26.72 67.06 46.91
N VAL A 50 -25.49 66.70 47.27
CA VAL A 50 -24.45 66.44 46.28
C VAL A 50 -24.47 64.97 45.89
N GLU A 51 -25.17 64.16 46.68
CA GLU A 51 -25.30 62.72 46.46
C GLU A 51 -26.03 62.42 45.15
N GLU A 52 -27.18 63.03 44.96
CA GLU A 52 -27.96 62.86 43.73
C GLU A 52 -27.16 63.31 42.52
N ARG A 53 -26.43 64.41 42.63
CA ARG A 53 -25.66 64.97 41.53
C ARG A 53 -24.24 64.42 41.61
N PHE A 54 -24.07 63.18 41.16
CA PHE A 54 -22.74 62.61 41.11
C PHE A 54 -21.86 63.31 40.09
N HIS A 55 -22.45 63.93 39.07
CA HIS A 55 -21.66 64.56 38.03
C HIS A 55 -20.88 65.77 38.52
N LEU A 56 -21.16 66.26 39.72
CA LEU A 56 -20.40 67.33 40.33
C LEU A 56 -19.13 66.85 41.00
N GLY A 57 -18.71 65.62 40.74
CA GLY A 57 -17.43 65.16 41.23
C GLY A 57 -16.25 65.78 40.54
N LEU A 58 -16.44 66.24 39.31
CA LEU A 58 -15.39 66.92 38.55
C LEU A 58 -15.04 68.29 39.11
N PHE A 59 -15.73 68.75 40.15
CA PHE A 59 -15.51 70.10 40.67
C PHE A 59 -15.32 70.19 42.16
N THR A 60 -15.51 69.12 42.93
CA THR A 60 -15.58 69.22 44.38
C THR A 60 -14.37 68.64 45.09
N ASP A 61 -14.08 67.36 44.90
CA ASP A 61 -12.95 66.73 45.57
C ASP A 61 -12.75 65.34 45.00
N ARG A 62 -11.66 64.69 45.44
CA ARG A 62 -11.33 63.36 44.94
C ARG A 62 -12.38 62.34 45.32
N ALA A 63 -12.89 62.40 46.55
CA ALA A 63 -13.84 61.40 47.01
C ALA A 63 -15.11 61.39 46.17
N THR A 64 -15.64 62.57 45.84
CA THR A 64 -16.81 62.63 44.99
C THR A 64 -16.46 62.35 43.54
N LEU A 65 -15.22 62.59 43.14
CA LEU A 65 -14.79 62.22 41.80
C LEU A 65 -14.62 60.71 41.67
N TYR A 66 -14.09 60.06 42.70
CA TYR A 66 -14.01 58.60 42.68
C TYR A 66 -15.39 57.97 42.64
N ARG A 67 -16.31 58.48 43.45
CA ARG A 67 -17.69 58.01 43.39
C ARG A 67 -18.29 58.28 42.01
N MET A 68 -17.91 59.41 41.40
CA MET A 68 -18.33 59.70 40.04
C MET A 68 -17.79 58.66 39.06
N ILE A 69 -16.53 58.29 39.19
CA ILE A 69 -15.90 57.45 38.18
C ILE A 69 -16.50 56.06 38.18
N ASP A 70 -16.76 55.49 39.35
CA ASP A 70 -17.41 54.19 39.39
C ASP A 70 -18.93 54.32 39.46
N ILE A 71 -19.47 55.18 38.59
CA ILE A 71 -20.88 55.15 38.21
C ILE A 71 -20.90 55.21 36.70
N GLU A 72 -19.83 55.73 36.12
CA GLU A 72 -19.56 55.53 34.70
C GLU A 72 -19.00 54.14 34.45
N GLY A 73 -18.35 53.54 35.46
CA GLY A 73 -17.94 52.16 35.34
C GLY A 73 -19.14 51.23 35.20
N LYS A 74 -19.98 51.22 36.23
CA LYS A 74 -21.23 50.47 36.17
C LYS A 74 -22.01 51.37 35.23
N GLY A 75 -22.16 50.93 33.98
CA GLY A 75 -22.76 51.75 32.97
C GLY A 75 -21.91 51.69 31.71
N HIS A 76 -20.62 51.43 31.89
CA HIS A 76 -19.82 50.90 30.80
C HIS A 76 -19.88 49.39 30.79
N LEU A 77 -20.15 48.78 31.95
CA LEU A 77 -20.39 47.36 32.01
C LEU A 77 -21.82 47.04 31.56
N GLU A 78 -22.80 47.70 32.15
CA GLU A 78 -24.19 47.49 31.73
C GLU A 78 -24.52 48.32 30.49
N ASN A 79 -23.60 48.29 29.54
CA ASN A 79 -23.86 48.71 28.17
C ASN A 79 -23.18 47.79 27.18
N GLY A 80 -22.22 46.99 27.61
CA GLY A 80 -21.45 46.15 26.72
C GLY A 80 -20.14 46.76 26.26
N HIS A 81 -19.47 47.52 27.12
CA HIS A 81 -18.18 48.13 26.81
C HIS A 81 -17.22 47.94 27.98
N PRO A 82 -16.82 46.70 28.28
CA PRO A 82 -15.83 46.51 29.35
C PRO A 82 -14.48 47.11 29.02
N GLU A 83 -14.19 47.36 27.75
CA GLU A 83 -12.92 48.00 27.39
C GLU A 83 -12.82 49.41 27.96
N LEU A 84 -13.93 50.13 27.96
CA LEU A 84 -13.93 51.49 28.51
C LEU A 84 -13.91 51.47 30.03
N PHE A 85 -14.52 50.45 30.64
CA PHE A 85 -14.54 50.36 32.09
C PHE A 85 -13.13 50.23 32.66
N HIS A 86 -12.30 49.40 32.02
CA HIS A 86 -10.94 49.20 32.52
C HIS A 86 -10.08 50.43 32.28
N GLN A 87 -10.34 51.15 31.18
CA GLN A 87 -9.62 52.39 30.93
C GLN A 87 -9.93 53.42 32.01
N LEU A 88 -11.19 53.49 32.45
CA LEU A 88 -11.55 54.40 33.53
C LEU A 88 -10.87 54.04 34.83
N MET A 89 -10.78 52.75 35.14
CA MET A 89 -10.19 52.32 36.41
C MET A 89 -8.72 52.69 36.49
N LEU A 90 -8.04 52.81 35.35
CA LEU A 90 -6.63 53.18 35.35
C LEU A 90 -6.42 54.56 35.94
N TRP A 91 -7.32 55.50 35.64
CA TRP A 91 -7.16 56.87 36.09
C TRP A 91 -7.10 56.97 37.61
N LYS A 92 -7.86 56.13 38.31
CA LYS A 92 -7.89 56.20 39.77
C LYS A 92 -6.53 55.88 40.37
N GLY A 93 -5.72 55.08 39.68
CA GLY A 93 -4.41 54.71 40.17
C GLY A 93 -4.34 53.39 40.91
N ASP A 94 -5.21 52.44 40.59
CA ASP A 94 -5.18 51.14 41.22
C ASP A 94 -4.94 50.05 40.18
N LEU A 95 -3.97 50.29 39.29
CA LEU A 95 -3.76 49.41 38.14
C LEU A 95 -3.58 47.96 38.58
N LYS A 96 -2.89 47.74 39.69
CA LYS A 96 -2.69 46.37 40.16
C LYS A 96 -4.03 45.70 40.47
N GLY A 97 -4.96 46.43 41.08
CA GLY A 97 -6.24 45.84 41.42
C GLY A 97 -7.16 45.67 40.22
N VAL A 98 -6.93 46.46 39.17
CA VAL A 98 -7.78 46.37 37.99
C VAL A 98 -7.54 45.05 37.26
N LEU A 99 -6.28 44.66 37.13
CA LEU A 99 -5.95 43.46 36.38
C LEU A 99 -6.50 42.21 37.06
N GLN A 100 -6.37 42.13 38.39
CA GLN A 100 -6.88 40.97 39.11
C GLN A 100 -8.39 40.83 38.91
N THR A 101 -9.11 41.95 38.93
CA THR A 101 -10.56 41.89 38.69
C THR A 101 -10.85 41.41 37.29
N ALA A 102 -10.13 41.91 36.29
CA ALA A 102 -10.35 41.46 34.92
C ALA A 102 -9.86 40.04 34.71
N ALA A 103 -8.86 39.62 35.47
CA ALA A 103 -8.39 38.24 35.37
C ALA A 103 -9.48 37.25 35.78
N GLU A 104 -10.19 37.55 36.87
CA GLU A 104 -11.21 36.62 37.35
C GLU A 104 -12.34 36.47 36.34
N ARG A 105 -12.78 37.57 35.75
CA ARG A 105 -13.88 37.54 34.79
C ARG A 105 -13.41 37.37 33.35
N GLY A 106 -12.12 37.20 33.12
CA GLY A 106 -11.63 36.88 31.79
C GLY A 106 -11.85 37.94 30.74
N GLU A 107 -11.54 39.20 31.07
CA GLU A 107 -11.59 40.28 30.08
C GLU A 107 -10.25 40.97 29.90
N LEU A 108 -9.15 40.26 30.14
CA LEU A 108 -7.84 40.82 29.84
C LEU A 108 -7.70 40.98 28.32
N THR A 109 -6.93 41.99 27.92
CA THR A 109 -6.77 42.34 26.51
C THR A 109 -5.36 42.87 26.28
N ASP A 110 -5.01 43.02 25.00
CA ASP A 110 -3.72 43.61 24.64
C ASP A 110 -3.54 44.96 25.31
N ASN A 111 -4.61 45.75 25.39
CA ASN A 111 -4.54 47.05 26.04
C ASN A 111 -4.20 46.91 27.52
N LEU A 112 -4.86 45.98 28.21
CA LEU A 112 -4.66 45.86 29.66
C LEU A 112 -3.27 45.35 29.99
N VAL A 113 -2.78 44.36 29.24
CA VAL A 113 -1.45 43.81 29.50
C VAL A 113 -0.38 44.84 29.17
N ALA A 114 -0.59 45.65 28.13
CA ALA A 114 0.38 46.68 27.78
C ALA A 114 0.55 47.70 28.89
N MET A 115 -0.51 47.98 29.64
CA MET A 115 -0.42 48.89 30.76
C MET A 115 0.02 48.21 32.05
N ALA A 116 0.11 46.88 32.05
CA ALA A 116 0.48 46.15 33.26
C ALA A 116 1.83 46.53 33.84
N PRO A 117 2.91 46.69 33.06
CA PRO A 117 4.22 46.96 33.69
C PRO A 117 4.27 48.25 34.48
N ALA A 118 3.20 49.06 34.47
CA ALA A 118 3.18 50.25 35.31
C ALA A 118 3.25 49.87 36.79
N ALA A 119 2.49 48.85 37.19
CA ALA A 119 2.55 48.39 38.57
C ALA A 119 3.92 47.81 38.90
N GLY A 120 4.51 47.07 37.97
CA GLY A 120 5.80 46.48 38.18
C GLY A 120 6.03 45.38 37.17
N TYR A 121 7.30 44.95 37.09
CA TYR A 121 7.64 43.90 36.13
C TYR A 121 6.93 42.60 36.46
N HIS A 122 6.93 42.22 37.74
CA HIS A 122 6.31 40.95 38.12
C HIS A 122 4.80 40.98 37.94
N VAL A 123 4.19 42.17 38.00
CA VAL A 123 2.77 42.26 37.68
C VAL A 123 2.55 41.98 36.21
N TRP A 124 3.46 42.44 35.36
CA TRP A 124 3.39 42.09 33.94
C TRP A 124 3.62 40.59 33.73
N LEU A 125 4.56 40.02 34.48
CA LEU A 125 4.79 38.58 34.39
C LEU A 125 3.51 37.81 34.69
N TRP A 126 2.84 38.16 35.78
CA TRP A 126 1.61 37.47 36.13
C TRP A 126 0.50 37.74 35.12
N ALA A 127 0.51 38.92 34.50
CA ALA A 127 -0.58 39.28 33.60
C ALA A 127 -0.53 38.49 32.31
N VAL A 128 0.66 38.24 31.78
CA VAL A 128 0.75 37.53 30.51
C VAL A 128 0.36 36.07 30.66
N GLU A 129 0.82 35.42 31.73
CA GLU A 129 0.40 34.05 31.99
C GLU A 129 -1.10 33.95 32.17
N ALA A 130 -1.67 34.89 32.93
CA ALA A 130 -3.12 34.92 33.08
C ALA A 130 -3.80 35.18 31.74
N PHE A 131 -3.24 36.08 30.94
CA PHE A 131 -3.79 36.34 29.62
C PHE A 131 -3.63 35.13 28.71
N ALA A 132 -2.52 34.41 28.85
CA ALA A 132 -2.32 33.21 28.04
C ALA A 132 -3.36 32.15 28.36
N LYS A 133 -3.65 31.93 29.65
CA LYS A 133 -4.67 30.96 30.03
C LYS A 133 -6.02 31.34 29.48
N GLN A 134 -6.37 32.63 29.55
CA GLN A 134 -7.66 33.08 29.05
C GLN A 134 -7.78 32.89 27.54
N LEU A 135 -6.70 33.16 26.80
CA LEU A 135 -6.76 33.04 25.35
C LEU A 135 -6.97 31.61 24.90
N CYS A 136 -6.55 30.63 25.71
CA CYS A 136 -6.80 29.24 25.38
C CYS A 136 -8.29 28.95 25.38
N PHE A 137 -9.02 29.47 26.36
CA PHE A 137 -10.45 29.21 26.47
C PHE A 137 -11.27 29.86 25.37
N GLN A 138 -10.68 30.79 24.62
CA GLN A 138 -11.36 31.44 23.50
C GLN A 138 -10.90 30.91 22.15
N ASP A 139 -10.28 29.73 22.14
CA ASP A 139 -9.80 29.10 20.90
C ASP A 139 -8.83 30.01 20.15
N GLN A 140 -8.00 30.72 20.90
CA GLN A 140 -6.92 31.54 20.35
C GLN A 140 -5.63 30.94 20.88
N TYR A 141 -5.12 29.93 20.18
CA TYR A 141 -3.98 29.17 20.67
C TYR A 141 -2.66 29.70 20.14
N VAL A 142 -2.61 30.08 18.86
CA VAL A 142 -1.38 30.64 18.31
C VAL A 142 -1.05 31.96 18.99
N LYS A 143 -2.07 32.81 19.19
CA LYS A 143 -1.85 34.07 19.91
C LYS A 143 -1.44 33.81 21.35
N ALA A 144 -2.06 32.84 22.01
CA ALA A 144 -1.68 32.50 23.37
C ALA A 144 -0.24 32.02 23.43
N ALA A 145 0.18 31.19 22.47
CA ALA A 145 1.55 30.71 22.44
C ALA A 145 2.53 31.86 22.21
N SER A 146 2.17 32.81 21.36
CA SER A 146 3.06 33.94 21.10
C SER A 146 3.29 34.75 22.37
N HIS A 147 2.25 34.97 23.17
CA HIS A 147 2.42 35.68 24.43
C HIS A 147 3.30 34.88 25.40
N LEU A 148 3.14 33.55 25.42
CA LEU A 148 3.97 32.73 26.28
C LEU A 148 5.44 32.84 25.89
N LEU A 149 5.71 33.12 24.60
CA LEU A 149 7.08 33.32 24.17
C LEU A 149 7.68 34.58 24.77
N SER A 150 6.87 35.63 24.92
CA SER A 150 7.38 36.87 25.47
C SER A 150 7.80 36.71 26.93
N ILE A 151 7.18 35.78 27.66
CA ILE A 151 7.60 35.46 29.01
C ILE A 151 8.88 34.64 29.04
N HIS A 152 9.41 34.26 27.88
CA HIS A 152 10.53 33.33 27.76
C HIS A 152 10.14 31.95 28.30
N LYS A 153 8.98 31.47 27.86
CA LYS A 153 8.52 30.11 28.13
C LYS A 153 8.33 29.43 26.80
N VAL A 154 9.43 28.88 26.26
CA VAL A 154 9.37 28.24 24.95
C VAL A 154 8.77 26.85 25.06
N TYR A 155 9.22 26.06 26.03
CA TYR A 155 8.73 24.69 26.15
C TYR A 155 7.24 24.67 26.42
N GLU A 156 6.75 25.58 27.25
CA GLU A 156 5.31 25.66 27.50
C GLU A 156 4.55 26.04 26.25
N ALA A 157 5.09 26.99 25.47
CA ALA A 157 4.42 27.41 24.24
C ALA A 157 4.40 26.28 23.21
N VAL A 158 5.51 25.55 23.08
CA VAL A 158 5.53 24.42 22.16
C VAL A 158 4.58 23.33 22.62
N GLU A 159 4.59 23.01 23.92
CA GLU A 159 3.69 21.99 24.44
C GLU A 159 2.23 22.38 24.23
N LEU A 160 1.90 23.64 24.46
CA LEU A 160 0.53 24.09 24.29
C LEU A 160 0.06 23.96 22.85
N LEU A 161 0.93 24.33 21.89
CA LEU A 161 0.54 24.21 20.49
C LEU A 161 0.48 22.75 20.05
N LYS A 162 1.45 21.94 20.48
CA LYS A 162 1.46 20.53 20.10
C LYS A 162 0.23 19.82 20.63
N SER A 163 -0.14 20.08 21.89
CA SER A 163 -1.30 19.41 22.48
C SER A 163 -2.60 19.80 21.81
N ASN A 164 -2.60 20.87 21.00
CA ASN A 164 -3.80 21.30 20.29
C ASN A 164 -3.68 21.11 18.78
N HIS A 165 -2.74 20.27 18.34
CA HIS A 165 -2.63 19.86 16.94
C HIS A 165 -2.31 21.04 16.02
N PHE A 166 -1.61 22.03 16.56
CA PHE A 166 -1.02 23.10 15.77
C PHE A 166 0.44 22.73 15.54
N TYR A 167 0.65 21.65 14.79
CA TYR A 167 1.98 21.09 14.61
C TYR A 167 2.88 21.97 13.75
N ARG A 168 2.32 22.60 12.71
CA ARG A 168 3.12 23.47 11.85
C ARG A 168 3.69 24.64 12.65
N GLU A 169 2.85 25.27 13.48
CA GLU A 169 3.31 26.39 14.28
C GLU A 169 4.22 25.94 15.41
N ALA A 170 3.95 24.77 15.99
CA ALA A 170 4.79 24.27 17.05
C ALA A 170 6.21 24.01 16.55
N ILE A 171 6.34 23.48 15.33
CA ILE A 171 7.67 23.22 14.78
C ILE A 171 8.40 24.51 14.50
N ALA A 172 7.70 25.51 13.97
CA ALA A 172 8.36 26.77 13.62
C ALA A 172 8.96 27.45 14.84
N ILE A 173 8.23 27.48 15.95
CA ILE A 173 8.77 28.05 17.17
C ILE A 173 9.89 27.19 17.73
N ALA A 174 9.69 25.87 17.73
CA ALA A 174 10.74 24.98 18.22
C ALA A 174 11.99 25.07 17.35
N LYS A 175 11.81 25.14 16.03
CA LYS A 175 12.95 25.24 15.13
C LYS A 175 13.71 26.55 15.34
N ALA A 176 12.98 27.65 15.51
CA ALA A 176 13.62 28.96 15.61
C ALA A 176 14.33 29.14 16.96
N ARG A 177 13.67 28.75 18.05
CA ARG A 177 14.16 29.03 19.39
C ARG A 177 15.08 27.95 19.94
N LEU A 178 14.72 26.69 19.76
CA LEU A 178 15.47 25.59 20.34
C LEU A 178 16.63 25.17 19.44
N ARG A 179 17.58 24.45 20.03
CA ARG A 179 18.68 23.90 19.26
C ARG A 179 18.16 22.85 18.28
N PRO A 180 18.85 22.65 17.16
CA PRO A 180 18.39 21.65 16.19
C PRO A 180 18.34 20.24 16.74
N GLU A 181 19.16 19.92 17.72
CA GLU A 181 19.24 18.56 18.26
C GLU A 181 18.46 18.39 19.56
N ASP A 182 17.61 19.35 19.91
CA ASP A 182 16.83 19.23 21.14
C ASP A 182 15.82 18.10 20.99
N PRO A 183 15.69 17.22 21.99
CA PRO A 183 14.72 16.12 21.89
C PRO A 183 13.29 16.58 21.76
N VAL A 184 12.98 17.82 22.18
CA VAL A 184 11.64 18.35 22.01
C VAL A 184 11.30 18.48 20.54
N LEU A 185 12.25 18.97 19.75
CA LEU A 185 12.01 19.17 18.33
C LEU A 185 11.85 17.85 17.59
N LYS A 186 12.74 16.88 17.87
CA LYS A 186 12.69 15.60 17.19
C LYS A 186 11.35 14.91 17.42
N ASP A 187 10.80 15.02 18.63
CA ASP A 187 9.55 14.34 18.93
C ASP A 187 8.38 15.01 18.21
N LEU A 188 8.51 16.31 17.90
CA LEU A 188 7.43 16.99 17.19
C LEU A 188 7.22 16.41 15.80
N TYR A 189 8.31 16.13 15.09
CA TYR A 189 8.19 15.52 13.77
C TYR A 189 7.55 14.14 13.86
N LEU A 190 8.03 13.31 14.79
CA LEU A 190 7.48 11.97 14.93
C LEU A 190 6.01 12.02 15.33
N SER A 191 5.67 12.91 16.26
CA SER A 191 4.27 13.04 16.67
C SER A 191 3.40 13.50 15.50
N TRP A 192 3.89 14.47 14.72
CA TRP A 192 3.11 14.95 13.59
C TRP A 192 3.05 13.90 12.48
N GLY A 193 4.15 13.20 12.24
CA GLY A 193 4.14 12.16 11.23
C GLY A 193 3.16 11.05 11.55
N THR A 194 3.08 10.66 12.82
CA THR A 194 2.12 9.64 13.22
C THR A 194 0.70 10.08 12.93
N VAL A 195 0.37 11.34 13.19
CA VAL A 195 -0.98 11.83 12.94
C VAL A 195 -1.26 11.88 11.44
N LEU A 196 -0.32 12.41 10.66
CA LEU A 196 -0.53 12.54 9.22
C LEU A 196 -0.63 11.18 8.56
N GLU A 197 0.18 10.22 8.98
CA GLU A 197 0.11 8.88 8.42
C GLU A 197 -1.22 8.20 8.73
N ARG A 198 -1.85 8.56 9.85
CA ARG A 198 -3.08 7.89 10.25
C ARG A 198 -4.21 8.14 9.26
N ASP A 199 -4.26 9.33 8.65
CA ASP A 199 -5.36 9.70 7.77
C ASP A 199 -4.90 9.86 6.33
N GLY A 200 -4.02 8.98 5.87
CA GLY A 200 -3.73 8.86 4.46
C GLY A 200 -2.91 9.97 3.85
N HIS A 201 -2.31 10.83 4.66
CA HIS A 201 -1.46 11.91 4.14
C HIS A 201 -0.02 11.41 4.17
N TYR A 202 0.25 10.36 3.39
CA TYR A 202 1.54 9.70 3.38
C TYR A 202 2.66 10.57 2.84
N ALA A 203 2.39 11.36 1.80
CA ALA A 203 3.46 12.13 1.17
C ALA A 203 4.04 13.16 2.13
N VAL A 204 3.19 13.91 2.82
CA VAL A 204 3.69 14.91 3.78
C VAL A 204 4.28 14.23 5.00
N ALA A 205 3.63 13.14 5.46
CA ALA A 205 4.12 12.42 6.62
C ALA A 205 5.52 11.88 6.38
N ALA A 206 5.86 11.60 5.13
CA ALA A 206 7.22 11.18 4.80
C ALA A 206 8.21 12.29 5.09
N LYS A 207 7.83 13.54 4.79
CA LYS A 207 8.72 14.67 5.07
C LYS A 207 8.95 14.84 6.56
N CYS A 208 7.92 14.63 7.37
CA CYS A 208 8.09 14.75 8.82
C CYS A 208 9.10 13.74 9.34
N TYR A 209 9.05 12.51 8.85
CA TYR A 209 10.06 11.53 9.22
C TYR A 209 11.44 11.93 8.72
N LEU A 210 11.51 12.51 7.52
CA LEU A 210 12.80 12.99 7.01
C LEU A 210 13.34 14.11 7.89
N GLY A 211 12.47 15.03 8.32
CA GLY A 211 12.91 16.06 9.24
C GLY A 211 13.36 15.50 10.57
N ALA A 212 12.75 14.40 11.00
CA ALA A 212 13.10 13.73 12.25
C ALA A 212 14.37 12.90 12.14
N THR A 213 15.17 13.13 11.08
CA THR A 213 16.37 12.37 10.75
C THR A 213 16.19 10.86 11.00
N CYS A 214 15.02 10.37 10.59
CA CYS A 214 14.78 8.93 10.52
C CYS A 214 14.31 8.63 9.09
N ALA A 215 15.30 8.45 8.20
CA ALA A 215 15.01 8.30 6.79
C ALA A 215 14.39 6.96 6.44
N TYR A 216 14.77 5.89 7.15
CA TYR A 216 14.22 4.57 6.83
C TYR A 216 12.70 4.59 6.93
N ASP A 217 12.16 5.16 8.00
CA ASP A 217 10.72 5.20 8.18
C ASP A 217 10.03 6.05 7.12
N ALA A 218 10.74 7.04 6.57
CA ALA A 218 10.13 7.89 5.55
C ALA A 218 9.84 7.11 4.27
N ALA A 219 10.79 6.27 3.84
CA ALA A 219 10.58 5.48 2.64
C ALA A 219 9.41 4.51 2.80
N LYS A 220 9.32 3.85 3.96
CA LYS A 220 8.26 2.87 4.17
C LYS A 220 6.89 3.52 4.16
N VAL A 221 6.77 4.72 4.75
CA VAL A 221 5.48 5.40 4.79
C VAL A 221 5.02 5.75 3.37
N LEU A 222 5.94 6.22 2.54
CA LEU A 222 5.59 6.50 1.15
C LEU A 222 5.14 5.25 0.44
N ALA A 223 5.76 4.11 0.75
CA ALA A 223 5.36 2.85 0.14
C ALA A 223 3.96 2.43 0.54
N LYS A 224 3.51 2.81 1.74
CA LYS A 224 2.23 2.34 2.25
C LYS A 224 1.06 2.79 1.41
N LYS A 225 1.23 3.81 0.56
CA LYS A 225 0.15 4.20 -0.34
C LYS A 225 -0.21 3.08 -1.30
N GLY A 226 0.80 2.40 -1.85
CA GLY A 226 0.58 1.34 -2.81
C GLY A 226 0.47 1.80 -4.25
N ASP A 227 0.44 3.12 -4.47
CA ASP A 227 0.34 3.64 -5.83
C ASP A 227 1.65 3.43 -6.58
N ALA A 228 1.54 3.35 -7.91
CA ALA A 228 2.72 3.11 -8.73
C ALA A 228 3.74 4.23 -8.59
N ALA A 229 3.29 5.47 -8.67
CA ALA A 229 4.22 6.59 -8.51
C ALA A 229 4.76 6.66 -7.09
N SER A 230 3.90 6.43 -6.10
CA SER A 230 4.35 6.43 -4.70
C SER A 230 5.39 5.34 -4.48
N LEU A 231 5.21 4.18 -5.12
CA LEU A 231 6.21 3.12 -5.02
C LEU A 231 7.54 3.55 -5.61
N ARG A 232 7.51 4.25 -6.74
CA ARG A 232 8.75 4.66 -7.39
C ARG A 232 9.49 5.69 -6.56
N THR A 233 8.80 6.74 -6.10
CA THR A 233 9.48 7.78 -5.34
C THR A 233 10.01 7.25 -4.02
N ALA A 234 9.30 6.32 -3.37
CA ALA A 234 9.83 5.69 -2.17
C ALA A 234 11.11 4.93 -2.49
N ALA A 235 11.17 4.27 -3.65
CA ALA A 235 12.39 3.59 -4.05
C ALA A 235 13.51 4.58 -4.29
N GLU A 236 13.22 5.71 -4.94
CA GLU A 236 14.24 6.71 -5.18
C GLU A 236 14.65 7.40 -3.88
N LEU A 237 13.67 7.71 -3.02
CA LEU A 237 13.98 8.31 -1.73
C LEU A 237 14.86 7.40 -0.89
N ALA A 238 14.57 6.10 -0.91
CA ALA A 238 15.38 5.16 -0.15
C ALA A 238 16.82 5.15 -0.63
N ALA A 239 17.02 5.24 -1.95
CA ALA A 239 18.36 5.15 -2.51
C ALA A 239 19.21 6.35 -2.11
N ILE A 240 18.58 7.51 -1.94
CA ILE A 240 19.33 8.73 -1.59
C ILE A 240 19.97 8.57 -0.21
N VAL A 241 19.22 8.03 0.74
CA VAL A 241 19.63 7.99 2.13
C VAL A 241 20.40 6.70 2.42
N GLY A 242 20.80 5.99 1.38
CA GLY A 242 21.41 4.69 1.54
C GLY A 242 20.41 3.59 1.23
N GLU A 243 20.17 2.70 2.20
CA GLU A 243 19.06 1.75 2.16
C GLU A 243 18.98 1.03 0.82
N ASP A 244 20.14 0.56 0.35
CA ASP A 244 20.21 -0.04 -0.98
C ASP A 244 19.34 -1.28 -1.07
N GLU A 245 19.40 -2.16 -0.06
CA GLU A 245 18.59 -3.37 -0.09
C GLU A 245 17.10 -3.04 -0.01
N LEU A 246 16.76 -1.90 0.62
CA LEU A 246 15.37 -1.48 0.65
C LEU A 246 14.95 -0.88 -0.69
N SER A 247 15.86 -0.16 -1.33
CA SER A 247 15.52 0.47 -2.61
C SER A 247 15.22 -0.57 -3.67
N ALA A 248 16.01 -1.64 -3.72
CA ALA A 248 15.76 -2.70 -4.69
C ALA A 248 14.40 -3.35 -4.48
N SER A 249 14.05 -3.62 -3.22
CA SER A 249 12.75 -4.20 -2.93
C SER A 249 11.63 -3.24 -3.31
N LEU A 250 11.83 -1.95 -3.08
CA LEU A 250 10.81 -0.96 -3.40
C LEU A 250 10.66 -0.78 -4.91
N ALA A 251 11.79 -0.72 -5.63
CA ALA A 251 11.73 -0.56 -7.07
C ALA A 251 11.04 -1.74 -7.74
N LEU A 252 11.34 -2.96 -7.27
CA LEU A 252 10.74 -4.15 -7.85
C LEU A 252 9.23 -4.11 -7.70
N ARG A 253 8.74 -3.69 -6.53
CA ARG A 253 7.29 -3.61 -6.32
C ARG A 253 6.67 -2.58 -7.23
N CYS A 254 7.37 -1.48 -7.50
CA CYS A 254 6.86 -0.48 -8.44
C CYS A 254 6.74 -1.07 -9.84
N ALA A 255 7.75 -1.83 -10.27
CA ALA A 255 7.69 -2.45 -11.59
C ALA A 255 6.53 -3.43 -11.70
N GLN A 256 6.32 -4.22 -10.65
CA GLN A 256 5.20 -5.17 -10.66
C GLN A 256 3.87 -4.43 -10.76
N GLU A 257 3.74 -3.30 -10.06
CA GLU A 257 2.51 -2.52 -10.15
C GLU A 257 2.39 -1.82 -11.50
N LEU A 258 3.51 -1.57 -12.17
CA LEU A 258 3.47 -0.83 -13.43
C LEU A 258 3.12 -1.72 -14.61
N LEU A 259 3.21 -3.04 -14.44
CA LEU A 259 2.70 -3.91 -15.49
C LEU A 259 1.20 -4.12 -15.38
N LEU A 260 0.61 -3.77 -14.23
CA LEU A 260 -0.85 -3.85 -14.09
C LEU A 260 -1.56 -2.90 -15.04
N ALA A 261 -0.86 -1.88 -15.54
CA ALA A 261 -1.41 -0.96 -16.53
C ALA A 261 -0.72 -1.10 -17.89
N ASN A 262 -0.07 -2.25 -18.13
CA ASN A 262 0.62 -2.52 -19.39
C ASN A 262 1.62 -1.43 -19.74
N ASN A 263 2.32 -0.90 -18.74
CA ASN A 263 3.31 0.15 -18.94
C ASN A 263 4.68 -0.51 -19.04
N TRP A 264 4.98 -1.06 -20.21
CA TRP A 264 6.21 -1.82 -20.39
C TRP A 264 7.45 -0.96 -20.48
N VAL A 265 7.31 0.34 -20.75
CA VAL A 265 8.45 1.24 -20.66
C VAL A 265 8.60 1.77 -19.24
N GLY A 266 7.48 2.03 -18.56
CA GLY A 266 7.54 2.40 -17.16
C GLY A 266 8.05 1.26 -16.29
N ALA A 267 7.63 0.03 -16.58
CA ALA A 267 8.07 -1.09 -15.78
C ALA A 267 9.58 -1.29 -15.88
N GLN A 268 10.14 -1.19 -17.08
CA GLN A 268 11.56 -1.49 -17.25
C GLN A 268 12.45 -0.38 -16.74
N GLU A 269 11.94 0.84 -16.65
CA GLU A 269 12.77 1.92 -16.10
C GLU A 269 12.93 1.76 -14.59
N ALA A 270 11.87 1.34 -13.90
CA ALA A 270 11.95 1.11 -12.46
C ALA A 270 12.98 0.04 -12.10
N LEU A 271 13.29 -0.86 -13.03
CA LEU A 271 14.31 -1.89 -12.79
C LEU A 271 15.72 -1.40 -13.05
N GLN A 272 15.88 -0.16 -13.51
CA GLN A 272 17.20 0.41 -13.76
C GLN A 272 17.78 1.10 -12.53
N LEU A 273 17.07 1.04 -11.39
CA LEU A 273 17.47 1.81 -10.22
C LEU A 273 18.69 1.21 -9.52
N HIS A 274 18.57 -0.02 -9.03
CA HIS A 274 19.57 -0.56 -8.12
C HIS A 274 20.61 -1.45 -8.79
N GLU A 275 20.37 -1.90 -10.02
CA GLU A 275 21.23 -2.75 -10.85
C GLU A 275 21.41 -4.15 -10.29
N SER A 276 20.92 -4.42 -9.07
CA SER A 276 20.78 -5.79 -8.60
C SER A 276 19.53 -6.44 -9.15
N LEU A 277 18.67 -5.68 -9.81
CA LEU A 277 17.48 -6.19 -10.50
C LEU A 277 17.80 -6.65 -11.90
N GLN A 278 19.09 -6.74 -12.25
CA GLN A 278 19.48 -7.14 -13.59
C GLN A 278 18.87 -8.49 -13.97
N GLY A 279 18.82 -9.42 -13.02
CA GLY A 279 18.14 -10.67 -13.29
C GLY A 279 16.67 -10.49 -13.58
N GLN A 280 16.01 -9.60 -12.83
CA GLN A 280 14.58 -9.37 -13.04
C GLN A 280 14.31 -8.57 -14.30
N ARG A 281 15.31 -7.87 -14.85
CA ARG A 281 15.11 -7.17 -16.11
C ARG A 281 14.84 -8.14 -17.24
N LEU A 282 15.54 -9.27 -17.26
CA LEU A 282 15.34 -10.26 -18.30
C LEU A 282 13.92 -10.81 -18.27
N VAL A 283 13.36 -11.01 -17.08
CA VAL A 283 12.02 -11.55 -16.97
C VAL A 283 11.00 -10.60 -17.57
N PHE A 284 11.12 -9.30 -17.27
CA PHE A 284 10.17 -8.35 -17.82
C PHE A 284 10.35 -8.16 -19.33
N CYS A 285 11.53 -8.47 -19.84
CA CYS A 285 11.71 -8.47 -21.29
C CYS A 285 10.98 -9.65 -21.92
N LEU A 286 11.15 -10.84 -21.34
CA LEU A 286 10.43 -12.01 -21.85
C LEU A 286 8.94 -11.88 -21.61
N LEU A 287 8.55 -11.29 -20.48
CA LEU A 287 7.12 -11.10 -20.21
C LEU A 287 6.49 -10.17 -21.23
N GLU A 288 7.20 -9.14 -21.66
CA GLU A 288 6.66 -8.20 -22.62
C GLU A 288 6.51 -8.85 -24.00
N LEU A 289 7.55 -9.53 -24.46
CA LEU A 289 7.50 -10.13 -25.78
C LEU A 289 6.46 -11.24 -25.87
N LEU A 290 6.32 -12.05 -24.82
CA LEU A 290 5.27 -13.06 -24.81
C LEU A 290 3.89 -12.43 -24.82
N SER A 291 3.68 -11.39 -24.02
CA SER A 291 2.39 -10.72 -24.02
C SER A 291 2.11 -10.09 -25.38
N ARG A 292 3.14 -9.57 -26.05
CA ARG A 292 2.96 -9.13 -27.43
C ARG A 292 2.61 -10.31 -28.34
N HIS A 293 3.28 -11.44 -28.13
CA HIS A 293 2.97 -12.63 -28.91
C HIS A 293 1.56 -13.15 -28.63
N LEU A 294 1.03 -12.88 -27.44
CA LEU A 294 -0.27 -13.43 -27.07
C LEU A 294 -1.40 -12.59 -27.66
N GLU A 295 -1.46 -11.31 -27.28
CA GLU A 295 -2.54 -10.45 -27.75
C GLU A 295 -2.53 -10.26 -29.25
N GLU A 296 -1.40 -10.52 -29.91
CA GLU A 296 -1.38 -10.49 -31.38
C GLU A 296 -2.30 -11.57 -31.95
N LYS A 297 -1.97 -12.83 -31.70
CA LYS A 297 -2.75 -13.93 -32.26
C LYS A 297 -3.88 -14.35 -31.32
N GLN A 298 -4.62 -13.36 -30.83
CA GLN A 298 -5.87 -13.58 -30.13
C GLN A 298 -7.01 -12.79 -30.76
N LEU A 299 -6.69 -11.56 -31.19
CA LEU A 299 -7.65 -10.66 -31.83
C LEU A 299 -7.07 -10.04 -33.12
N SER A 300 -5.94 -10.62 -33.55
CA SER A 300 -5.24 -10.30 -34.79
C SER A 300 -4.73 -8.85 -34.82
N GLU A 301 -5.03 -8.05 -33.82
CA GLU A 301 -4.60 -6.66 -33.73
C GLU A 301 -5.00 -6.17 -32.34
N GLY A 302 -4.37 -5.08 -31.90
CA GLY A 302 -4.72 -4.53 -30.62
C GLY A 302 -3.88 -3.35 -30.15
N LYS A 303 -4.53 -2.40 -29.48
CA LYS A 303 -3.87 -1.28 -28.81
C LYS A 303 -4.71 -0.94 -27.58
N SER A 304 -4.28 -1.45 -26.43
CA SER A 304 -5.04 -1.30 -25.19
C SER A 304 -4.22 -0.54 -24.16
N SER A 305 -3.64 0.59 -24.57
CA SER A 305 -2.68 1.34 -23.76
C SER A 305 -1.46 0.47 -23.47
N SER A 306 -1.13 -0.41 -24.40
CA SER A 306 0.04 -1.28 -24.30
C SER A 306 1.24 -0.50 -24.80
N SER A 307 2.01 0.05 -23.86
CA SER A 307 3.17 0.87 -24.19
C SER A 307 4.38 -0.02 -24.41
N TYR A 308 4.43 -0.63 -25.59
CA TYR A 308 5.52 -1.54 -25.94
C TYR A 308 6.81 -0.75 -26.12
N HIS A 309 7.93 -1.44 -26.11
CA HIS A 309 9.21 -0.87 -26.51
C HIS A 309 9.34 -0.92 -28.02
N THR A 310 10.44 -0.38 -28.53
CA THR A 310 10.69 -0.30 -29.96
C THR A 310 11.84 -1.20 -30.41
N TRP A 311 12.08 -2.30 -29.69
CA TRP A 311 13.19 -3.18 -29.99
C TRP A 311 13.05 -3.79 -31.38
N PRO A 318 10.97 -17.54 -34.91
CA PRO A 318 11.25 -18.27 -33.67
C PRO A 318 11.23 -17.36 -32.46
N PHE A 319 10.37 -17.67 -31.48
CA PHE A 319 10.24 -16.82 -30.30
C PHE A 319 11.47 -16.91 -29.41
N VAL A 320 12.02 -18.11 -29.25
CA VAL A 320 13.15 -18.27 -28.33
C VAL A 320 14.36 -17.49 -28.81
N GLU A 321 14.68 -17.58 -30.11
CA GLU A 321 15.77 -16.78 -30.65
C GLU A 321 15.44 -15.29 -30.66
N ARG A 322 14.16 -14.93 -30.59
CA ARG A 322 13.76 -13.53 -30.58
C ARG A 322 13.99 -12.86 -29.23
N VAL A 323 13.94 -13.62 -28.14
CA VAL A 323 14.25 -13.04 -26.83
C VAL A 323 15.75 -13.07 -26.58
N THR A 324 16.43 -14.10 -27.08
CA THR A 324 17.88 -14.14 -26.97
C THR A 324 18.51 -12.98 -27.72
N ALA A 325 17.99 -12.67 -28.92
CA ALA A 325 18.53 -11.55 -29.68
C ALA A 325 18.31 -10.22 -28.96
N VAL A 326 17.13 -10.04 -28.37
CA VAL A 326 16.86 -8.80 -27.64
C VAL A 326 17.71 -8.72 -26.38
N TRP A 327 17.89 -9.85 -25.70
CA TRP A 327 18.73 -9.87 -24.50
C TRP A 327 20.17 -9.49 -24.84
N LYS A 328 20.67 -9.95 -25.98
CA LYS A 328 22.04 -9.61 -26.38
C LYS A 328 22.19 -8.12 -26.59
N SER A 329 21.20 -7.48 -27.23
CA SER A 329 21.30 -6.08 -27.59
C SER A 329 20.93 -5.16 -26.42
N ILE A 330 19.69 -5.29 -25.92
CA ILE A 330 19.18 -4.30 -24.98
C ILE A 330 19.79 -4.49 -23.60
N PHE A 331 20.39 -5.65 -23.32
CA PHE A 331 20.88 -5.95 -21.98
C PHE A 331 22.31 -6.46 -21.95
N SER A 332 23.00 -6.53 -23.08
CA SER A 332 24.40 -6.97 -23.16
C SER A 332 24.59 -8.30 -22.42
N LEU A 333 23.94 -9.34 -22.94
CA LEU A 333 23.99 -10.66 -22.34
C LEU A 333 24.57 -11.66 -23.32
N ASP A 334 25.66 -11.29 -24.00
CA ASP A 334 26.14 -12.08 -25.12
C ASP A 334 26.98 -13.27 -24.66
N THR A 335 28.10 -13.01 -24.00
CA THR A 335 29.02 -14.07 -23.66
C THR A 335 28.48 -14.92 -22.52
N PRO A 336 28.77 -16.23 -22.52
CA PRO A 336 28.22 -17.13 -21.48
C PRO A 336 28.74 -16.84 -20.08
N GLU A 337 29.64 -15.87 -19.90
CA GLU A 337 30.14 -15.58 -18.56
C GLU A 337 29.01 -15.13 -17.64
N GLN A 338 28.23 -14.16 -18.06
CA GLN A 338 27.15 -13.64 -17.23
C GLN A 338 25.82 -14.35 -17.45
N TYR A 339 25.78 -15.38 -18.30
CA TYR A 339 24.62 -16.24 -18.34
C TYR A 339 24.44 -16.95 -17.00
N GLN A 340 25.55 -17.40 -16.41
CA GLN A 340 25.50 -18.07 -15.11
C GLN A 340 25.01 -17.13 -14.02
N GLU A 341 25.57 -15.92 -13.95
CA GLU A 341 25.17 -14.98 -12.90
C GLU A 341 23.70 -14.61 -13.02
N ALA A 342 23.23 -14.38 -14.24
CA ALA A 342 21.79 -14.14 -14.42
C ALA A 342 20.98 -15.35 -13.98
N PHE A 343 21.46 -16.54 -14.31
CA PHE A 343 20.76 -17.76 -13.92
C PHE A 343 20.75 -17.93 -12.39
N GLN A 344 21.92 -17.77 -11.76
CA GLN A 344 22.00 -17.95 -10.32
C GLN A 344 21.21 -16.87 -9.59
N LYS A 345 21.26 -15.63 -10.07
CA LYS A 345 20.51 -14.56 -9.42
C LYS A 345 19.01 -14.78 -9.54
N LEU A 346 18.58 -15.57 -10.53
CA LEU A 346 17.16 -15.75 -10.78
C LEU A 346 16.64 -17.07 -10.21
N GLN A 347 17.47 -18.10 -10.16
CA GLN A 347 17.00 -19.41 -9.75
C GLN A 347 16.62 -19.46 -8.27
N ASN A 348 17.10 -18.50 -7.47
CA ASN A 348 16.83 -18.54 -6.03
C ASN A 348 15.40 -18.14 -5.72
N ILE A 349 14.93 -17.06 -6.35
CA ILE A 349 13.59 -16.53 -6.11
C ILE A 349 12.47 -17.53 -6.41
N LYS A 350 11.60 -17.76 -5.44
CA LYS A 350 10.48 -18.67 -5.62
C LYS A 350 9.17 -17.91 -5.45
N TYR A 351 8.13 -18.42 -6.09
CA TYR A 351 6.80 -17.83 -6.06
C TYR A 351 5.81 -18.82 -5.44
N PRO A 352 4.67 -18.32 -4.95
CA PRO A 352 3.68 -19.22 -4.33
C PRO A 352 3.14 -20.27 -5.28
N SER A 353 2.29 -21.16 -4.76
CA SER A 353 1.82 -22.30 -5.55
C SER A 353 0.93 -21.90 -6.70
N ALA A 354 0.48 -20.65 -6.76
CA ALA A 354 -0.32 -20.13 -7.87
C ALA A 354 -1.62 -20.94 -8.03
N THR A 355 -2.47 -20.83 -7.01
CA THR A 355 -3.74 -21.52 -6.99
C THR A 355 -4.63 -21.01 -8.13
N ASN A 356 -5.82 -21.60 -8.23
CA ASN A 356 -6.71 -21.34 -9.38
C ASN A 356 -7.07 -19.87 -9.49
N ASN A 357 -7.38 -19.23 -8.36
CA ASN A 357 -7.72 -17.80 -8.37
C ASN A 357 -6.43 -17.00 -8.18
N THR A 358 -6.16 -16.15 -9.15
CA THR A 358 -4.97 -15.31 -9.19
C THR A 358 -5.11 -14.31 -10.32
N PRO A 359 -4.59 -13.09 -10.15
CA PRO A 359 -4.69 -12.10 -11.23
C PRO A 359 -4.01 -12.60 -12.50
N ALA A 360 -4.65 -12.31 -13.63
CA ALA A 360 -4.16 -12.79 -14.92
C ALA A 360 -2.84 -12.17 -15.32
N LYS A 361 -2.43 -11.07 -14.69
CA LYS A 361 -1.16 -10.43 -15.00
C LYS A 361 -0.02 -10.89 -14.09
N GLN A 362 -0.31 -11.10 -12.81
CA GLN A 362 0.71 -11.67 -11.92
C GLN A 362 0.99 -13.12 -12.26
N LEU A 363 -0.03 -13.87 -12.67
CA LEU A 363 0.17 -15.27 -13.04
C LEU A 363 1.12 -15.40 -14.21
N LEU A 364 0.94 -14.55 -15.24
CA LEU A 364 1.82 -14.60 -16.39
C LEU A 364 3.25 -14.26 -16.00
N LEU A 365 3.44 -13.31 -15.08
CA LEU A 365 4.77 -12.98 -14.61
C LEU A 365 5.44 -14.18 -13.96
N HIS A 366 4.69 -14.92 -13.15
CA HIS A 366 5.25 -16.09 -12.48
C HIS A 366 5.67 -17.16 -13.49
N ILE A 367 4.87 -17.35 -14.53
CA ILE A 367 5.23 -18.30 -15.58
C ILE A 367 6.48 -17.84 -16.31
N CYS A 368 6.55 -16.56 -16.64
CA CYS A 368 7.68 -16.04 -17.39
C CYS A 368 8.99 -16.16 -16.61
N HIS A 369 8.91 -16.14 -15.27
CA HIS A 369 10.10 -16.35 -14.47
C HIS A 369 10.68 -17.74 -14.69
N ASP A 370 9.82 -18.75 -14.76
CA ASP A 370 10.29 -20.10 -15.03
C ASP A 370 10.66 -20.27 -16.49
N LEU A 371 9.96 -19.57 -17.39
CA LEU A 371 10.34 -19.59 -18.80
C LEU A 371 11.72 -18.98 -19.00
N THR A 372 12.02 -17.90 -18.26
CA THR A 372 13.31 -17.24 -18.39
C THR A 372 14.45 -18.17 -18.04
N LEU A 373 14.30 -18.94 -16.97
CA LEU A 373 15.32 -19.93 -16.61
C LEU A 373 15.44 -20.98 -17.70
N ALA A 374 14.34 -21.31 -18.38
CA ALA A 374 14.36 -22.33 -19.41
C ALA A 374 15.22 -21.90 -20.60
N VAL A 375 14.96 -20.70 -21.12
CA VAL A 375 15.76 -20.21 -22.24
C VAL A 375 17.20 -19.99 -21.82
N LEU A 376 17.41 -19.47 -20.60
CA LEU A 376 18.77 -19.27 -20.10
C LEU A 376 19.52 -20.59 -20.05
N SER A 377 18.92 -21.63 -19.46
CA SER A 377 19.57 -22.93 -19.41
C SER A 377 19.79 -23.48 -20.81
N GLN A 378 18.95 -23.10 -21.77
CA GLN A 378 19.16 -23.52 -23.15
C GLN A 378 20.42 -22.88 -23.72
N GLN A 379 20.77 -21.67 -23.26
CA GLN A 379 21.94 -20.98 -23.78
C GLN A 379 23.22 -21.65 -23.34
N MET A 380 23.37 -21.94 -22.05
CA MET A 380 24.58 -22.58 -21.55
C MET A 380 24.46 -24.11 -21.51
N ALA A 381 23.95 -24.67 -22.61
CA ALA A 381 23.90 -26.12 -22.83
C ALA A 381 23.36 -26.89 -21.62
N SER A 382 22.54 -26.23 -20.79
CA SER A 382 21.98 -26.84 -19.58
C SER A 382 20.62 -27.42 -19.96
N TRP A 383 20.64 -28.54 -20.68
CA TRP A 383 19.39 -29.12 -21.17
C TRP A 383 18.54 -29.69 -20.04
N ASP A 384 19.18 -30.28 -19.02
CA ASP A 384 18.42 -30.88 -17.93
C ASP A 384 17.58 -29.85 -17.20
N GLU A 385 18.20 -28.74 -16.79
CA GLU A 385 17.45 -27.69 -16.12
C GLU A 385 16.48 -27.00 -17.08
N ALA A 386 16.76 -27.05 -18.38
CA ALA A 386 15.87 -26.43 -19.36
C ALA A 386 14.50 -27.10 -19.35
N VAL A 387 14.46 -28.44 -19.35
CA VAL A 387 13.19 -29.14 -19.34
C VAL A 387 12.49 -28.96 -17.99
N GLN A 388 13.26 -28.96 -16.90
CA GLN A 388 12.67 -28.77 -15.58
C GLN A 388 12.05 -27.38 -15.45
N ALA A 389 12.77 -26.36 -15.92
CA ALA A 389 12.22 -25.01 -15.91
C ALA A 389 11.01 -24.91 -16.83
N LEU A 390 11.09 -25.51 -18.01
CA LEU A 390 9.95 -25.50 -18.92
C LEU A 390 8.76 -26.23 -18.31
N LEU A 391 9.01 -27.39 -17.69
CA LEU A 391 7.94 -28.15 -17.06
C LEU A 391 7.30 -27.35 -15.94
N ARG A 392 8.11 -26.66 -15.14
CA ARG A 392 7.57 -25.83 -14.07
C ARG A 392 6.70 -24.71 -14.62
N ALA A 393 7.05 -24.20 -15.80
CA ALA A 393 6.25 -23.13 -16.39
C ALA A 393 4.93 -23.66 -16.92
N VAL A 394 4.96 -24.83 -17.57
CA VAL A 394 3.73 -25.43 -18.08
C VAL A 394 2.80 -25.81 -16.94
N VAL A 395 3.36 -26.41 -15.88
CA VAL A 395 2.54 -26.89 -14.77
C VAL A 395 1.81 -25.74 -14.10
N ARG A 396 2.53 -24.64 -13.88
CA ARG A 396 1.95 -23.45 -13.24
C ARG A 396 0.70 -23.01 -13.99
N SER A 397 0.81 -22.90 -15.31
CA SER A 397 -0.33 -22.52 -16.13
C SER A 397 -1.45 -23.55 -16.04
N TYR A 398 -1.09 -24.84 -16.08
CA TYR A 398 -2.09 -25.90 -15.95
C TYR A 398 -2.77 -25.85 -14.59
N ASP A 399 -1.99 -25.65 -13.52
CA ASP A 399 -2.55 -25.60 -12.19
C ASP A 399 -3.52 -24.43 -12.00
N SER A 400 -3.29 -23.32 -12.68
CA SER A 400 -4.17 -22.17 -12.60
C SER A 400 -5.38 -22.29 -13.51
N GLY A 401 -5.47 -23.34 -14.31
CA GLY A 401 -6.62 -23.54 -15.17
C GLY A 401 -6.59 -22.75 -16.46
N SER A 402 -5.59 -21.89 -16.62
CA SER A 402 -5.44 -21.08 -17.82
C SER A 402 -4.89 -22.00 -18.92
N PHE A 403 -5.79 -22.76 -19.52
CA PHE A 403 -5.38 -23.75 -20.51
C PHE A 403 -4.79 -23.11 -21.76
N THR A 404 -5.30 -21.96 -22.18
CA THR A 404 -4.83 -21.35 -23.42
C THR A 404 -3.39 -20.86 -23.28
N ILE A 405 -3.02 -20.35 -22.10
CA ILE A 405 -1.65 -19.91 -21.88
C ILE A 405 -0.70 -21.09 -21.89
N MET A 406 -1.08 -22.18 -21.22
CA MET A 406 -0.28 -23.40 -21.25
C MET A 406 -0.07 -23.89 -22.68
N GLN A 407 -1.06 -23.73 -23.54
CA GLN A 407 -0.96 -24.25 -24.90
C GLN A 407 -0.02 -23.41 -25.76
N GLU A 408 -0.05 -22.10 -25.65
CA GLU A 408 0.82 -21.26 -26.45
C GLU A 408 2.26 -21.26 -25.97
N VAL A 409 2.50 -21.63 -24.70
CA VAL A 409 3.87 -21.80 -24.23
C VAL A 409 4.56 -22.88 -25.02
N TYR A 410 3.87 -24.00 -25.27
CA TYR A 410 4.43 -25.04 -26.11
C TYR A 410 4.62 -24.54 -27.54
N SER A 411 3.69 -23.74 -28.03
CA SER A 411 3.83 -23.20 -29.39
C SER A 411 5.04 -22.30 -29.50
N ALA A 412 5.25 -21.43 -28.51
CA ALA A 412 6.35 -20.48 -28.58
C ALA A 412 7.70 -21.16 -28.37
N PHE A 413 7.79 -22.05 -27.38
CA PHE A 413 9.07 -22.61 -26.98
C PHE A 413 9.37 -23.97 -27.60
N LEU A 414 8.36 -24.71 -28.03
CA LEU A 414 8.54 -26.00 -28.70
C LEU A 414 7.71 -25.97 -29.97
N PRO A 415 8.10 -25.11 -30.93
CA PRO A 415 7.22 -24.88 -32.10
C PRO A 415 6.99 -26.12 -32.95
N ASP A 416 7.99 -26.99 -33.07
CA ASP A 416 7.89 -28.19 -33.88
C ASP A 416 7.30 -29.37 -33.12
N GLY A 417 7.92 -29.75 -32.00
CA GLY A 417 7.43 -30.86 -31.22
C GLY A 417 8.18 -31.01 -29.91
N CYS A 418 8.49 -32.25 -29.53
CA CYS A 418 9.22 -32.50 -28.30
C CYS A 418 10.33 -33.52 -28.45
N ASP A 419 10.52 -34.09 -29.64
CA ASP A 419 11.54 -35.12 -29.83
C ASP A 419 12.94 -34.54 -29.94
N HIS A 420 13.08 -33.28 -30.35
CA HIS A 420 14.41 -32.70 -30.51
C HIS A 420 15.10 -32.47 -29.17
N LEU A 421 14.40 -32.64 -28.06
CA LEU A 421 15.03 -32.65 -26.74
C LEU A 421 15.33 -34.05 -26.24
N ARG A 422 14.67 -35.07 -26.81
CA ARG A 422 14.92 -36.45 -26.40
C ARG A 422 16.34 -36.90 -26.71
N ASP A 423 16.86 -36.53 -27.88
CA ASP A 423 18.20 -36.96 -28.27
C ASP A 423 19.25 -36.41 -27.32
N LYS A 424 19.08 -35.16 -26.88
CA LYS A 424 20.07 -34.53 -26.02
C LYS A 424 20.10 -35.20 -24.64
N LEU A 425 18.94 -35.47 -24.05
CA LEU A 425 18.87 -36.00 -22.71
C LEU A 425 17.95 -37.19 -22.53
N GLY A 426 16.92 -37.35 -23.35
CA GLY A 426 15.90 -38.36 -23.11
C GLY A 426 16.26 -39.78 -23.43
N ASP A 427 17.41 -40.03 -24.06
CA ASP A 427 17.83 -41.38 -24.39
C ASP A 427 18.53 -42.07 -23.22
N HIS A 428 17.87 -42.03 -22.05
CA HIS A 428 18.41 -42.61 -20.82
C HIS A 428 19.81 -42.11 -20.53
N GLN A 429 20.06 -40.84 -20.82
CA GLN A 429 21.35 -40.22 -20.59
C GLN A 429 21.48 -39.56 -19.22
N SER A 430 20.38 -39.03 -18.69
CA SER A 430 20.38 -38.33 -17.42
C SER A 430 19.19 -38.78 -16.57
N PRO A 431 19.30 -38.69 -15.25
CA PRO A 431 18.16 -39.04 -14.38
C PRO A 431 17.01 -38.04 -14.44
N ALA A 432 17.07 -37.05 -15.32
CA ALA A 432 16.00 -36.07 -15.47
C ALA A 432 14.98 -36.45 -16.54
N THR A 433 15.15 -37.61 -17.18
CA THR A 433 14.20 -38.02 -18.21
C THR A 433 12.81 -38.32 -17.63
N PRO A 434 12.65 -38.68 -16.34
CA PRO A 434 11.30 -38.67 -15.78
C PRO A 434 10.64 -37.31 -15.84
N ALA A 435 11.41 -36.23 -15.71
CA ALA A 435 10.85 -34.89 -15.89
C ALA A 435 10.56 -34.62 -17.36
N PHE A 436 11.32 -35.23 -18.27
CA PHE A 436 11.03 -35.08 -19.69
C PHE A 436 9.70 -35.72 -20.06
N LYS A 437 9.41 -36.88 -19.47
CA LYS A 437 8.15 -37.57 -19.79
C LYS A 437 6.95 -36.73 -19.37
N SER A 438 7.04 -36.07 -18.22
CA SER A 438 5.94 -35.20 -17.79
C SER A 438 5.73 -34.06 -18.77
N LEU A 439 6.81 -33.45 -19.25
CA LEU A 439 6.68 -32.33 -20.17
C LEU A 439 6.08 -32.77 -21.49
N GLU A 440 6.52 -33.92 -22.01
CA GLU A 440 5.94 -34.44 -23.25
C GLU A 440 4.49 -34.86 -23.04
N ALA A 441 4.19 -35.43 -21.88
CA ALA A 441 2.82 -35.85 -21.61
C ALA A 441 1.88 -34.66 -21.57
N PHE A 442 2.31 -33.54 -20.99
CA PHE A 442 1.48 -32.35 -20.99
C PHE A 442 1.34 -31.79 -22.41
N PHE A 443 2.35 -32.00 -23.24
CA PHE A 443 2.27 -31.54 -24.63
C PHE A 443 1.17 -32.27 -25.38
N LEU A 444 1.13 -33.60 -25.25
CA LEU A 444 0.07 -34.37 -25.89
C LEU A 444 -1.29 -34.04 -25.32
N TYR A 445 -1.35 -33.66 -24.04
CA TYR A 445 -2.62 -33.27 -23.43
C TYR A 445 -3.25 -32.11 -24.18
N GLY A 446 -2.44 -31.09 -24.50
CA GLY A 446 -2.97 -29.98 -25.27
C GLY A 446 -3.33 -30.36 -26.70
N ARG A 447 -2.53 -31.25 -27.28
CA ARG A 447 -2.77 -31.71 -28.65
C ARG A 447 -4.10 -32.45 -28.73
N LEU A 448 -4.39 -33.27 -27.73
CA LEU A 448 -5.63 -34.04 -27.70
C LEU A 448 -6.84 -33.12 -27.52
N TYR A 449 -6.69 -32.10 -26.67
CA TYR A 449 -7.75 -31.14 -26.43
C TYR A 449 -8.02 -30.36 -27.71
N GLU A 450 -6.94 -29.95 -28.38
CA GLU A 450 -7.06 -29.19 -29.61
C GLU A 450 -7.76 -30.03 -30.67
N PHE A 451 -7.35 -31.30 -30.76
CA PHE A 451 -7.94 -32.23 -31.71
C PHE A 451 -9.43 -32.36 -31.43
N TRP A 452 -9.79 -32.28 -30.16
CA TRP A 452 -11.18 -32.37 -29.75
C TRP A 452 -11.99 -31.20 -30.31
N TRP A 453 -11.57 -29.99 -29.98
CA TRP A 453 -12.26 -28.78 -30.42
C TRP A 453 -12.26 -28.66 -31.93
N SER A 454 -11.30 -29.29 -32.61
CA SER A 454 -11.31 -29.32 -34.07
C SER A 454 -12.52 -30.08 -34.59
N LEU A 455 -12.90 -31.17 -33.91
CA LEU A 455 -14.08 -31.92 -34.31
C LEU A 455 -15.34 -31.08 -34.19
N SER A 456 -15.46 -30.32 -33.10
CA SER A 456 -16.55 -29.36 -32.98
C SER A 456 -16.34 -28.24 -33.99
N ARG A 457 -17.33 -27.34 -34.06
CA ARG A 457 -17.30 -26.28 -35.06
C ARG A 457 -16.07 -25.40 -34.92
N PRO A 458 -15.76 -24.82 -33.75
CA PRO A 458 -14.67 -23.83 -33.78
C PRO A 458 -13.29 -24.46 -33.88
N THR A 509 -10.99 -33.79 -39.85
CA THR A 509 -10.29 -35.02 -40.18
C THR A 509 -8.90 -34.70 -40.74
N GLU A 510 -8.68 -33.42 -41.05
CA GLU A 510 -7.39 -32.97 -41.57
C GLU A 510 -6.25 -33.29 -40.63
N GLU A 511 -6.51 -33.36 -39.32
CA GLU A 511 -5.48 -33.76 -38.39
C GLU A 511 -5.00 -35.18 -38.65
N GLY A 512 -5.93 -36.07 -39.00
CA GLY A 512 -5.58 -37.40 -39.43
C GLY A 512 -5.48 -38.40 -38.29
N GLU A 513 -5.83 -39.64 -38.58
CA GLU A 513 -5.77 -40.69 -37.57
C GLU A 513 -4.34 -41.04 -37.24
N ARG A 514 -3.40 -40.66 -38.10
CA ARG A 514 -2.01 -40.98 -37.82
C ARG A 514 -1.54 -40.34 -36.52
N MET A 515 -2.00 -39.12 -36.26
CA MET A 515 -1.63 -38.39 -35.05
C MET A 515 -2.36 -38.93 -33.82
N LEU A 516 -3.56 -39.47 -34.03
CA LEU A 516 -4.36 -40.01 -32.94
C LEU A 516 -3.68 -41.22 -32.30
N SER A 517 -3.01 -42.03 -33.12
CA SER A 517 -2.24 -43.14 -32.56
C SER A 517 -0.86 -42.66 -32.13
N THR A 518 -0.83 -41.57 -31.38
CA THR A 518 0.39 -41.10 -30.72
C THR A 518 0.16 -40.71 -29.26
N PHE A 519 -1.09 -40.61 -28.82
CA PHE A 519 -1.42 -40.35 -27.43
C PHE A 519 -1.30 -41.60 -26.56
N LYS A 520 -0.66 -42.65 -27.08
CA LYS A 520 -0.54 -43.90 -26.31
C LYS A 520 0.23 -43.67 -25.01
N GLU A 521 1.27 -42.83 -25.06
CA GLU A 521 2.02 -42.54 -23.84
C GLU A 521 1.17 -41.81 -22.82
N LEU A 522 0.15 -41.08 -23.26
CA LEU A 522 -0.68 -40.33 -22.33
C LEU A 522 -1.53 -41.23 -21.46
N PHE A 523 -1.72 -42.48 -21.86
CA PHE A 523 -2.55 -43.43 -21.11
C PHE A 523 -1.64 -44.32 -20.27
N SER A 524 -1.20 -43.78 -19.14
CA SER A 524 -0.35 -44.50 -18.21
C SER A 524 -1.21 -45.04 -17.07
N GLU A 525 -1.23 -46.36 -16.92
CA GLU A 525 -2.03 -46.97 -15.86
C GLU A 525 -1.50 -46.59 -14.48
N LYS A 526 -0.17 -46.55 -14.32
CA LYS A 526 0.40 -46.19 -13.03
C LYS A 526 0.00 -44.79 -12.61
N HIS A 527 0.06 -43.83 -13.54
CA HIS A 527 -0.39 -42.48 -13.23
C HIS A 527 -1.89 -42.44 -12.98
N ALA A 528 -2.64 -43.30 -13.68
CA ALA A 528 -4.08 -43.35 -13.47
C ALA A 528 -4.42 -43.87 -12.08
N SER A 529 -3.78 -44.97 -11.67
CA SER A 529 -4.04 -45.51 -10.34
C SER A 529 -3.61 -44.55 -9.25
N LEU A 530 -2.43 -43.94 -9.40
CA LEU A 530 -1.94 -43.03 -8.39
C LEU A 530 -2.86 -41.83 -8.22
N GLN A 531 -3.35 -41.27 -9.33
CA GLN A 531 -4.29 -40.16 -9.22
C GLN A 531 -5.63 -40.63 -8.64
N ASN A 532 -5.92 -41.92 -8.78
CA ASN A 532 -7.10 -42.47 -8.11
C ASN A 532 -6.86 -42.61 -6.61
N SER A 533 -5.65 -43.04 -6.23
CA SER A 533 -5.31 -43.14 -4.82
C SER A 533 -5.34 -41.78 -4.15
N GLN A 534 -4.78 -40.77 -4.80
CA GLN A 534 -4.82 -39.41 -4.24
C GLN A 534 -6.24 -38.88 -4.19
N ARG A 535 -7.13 -39.44 -5.01
CA ARG A 535 -8.53 -39.01 -4.98
C ARG A 535 -9.22 -39.47 -3.71
N THR A 536 -9.07 -40.75 -3.36
CA THR A 536 -9.69 -41.27 -2.15
C THR A 536 -9.09 -40.64 -0.89
N VAL A 537 -7.76 -40.50 -0.86
CA VAL A 537 -7.10 -39.94 0.31
C VAL A 537 -7.57 -38.52 0.56
N ALA A 538 -7.64 -37.69 -0.49
CA ALA A 538 -8.23 -36.37 -0.33
C ALA A 538 -9.73 -36.46 -0.04
N GLU A 539 -10.38 -37.52 -0.51
CA GLU A 539 -11.78 -37.73 -0.16
C GLU A 539 -11.93 -38.22 1.28
N VAL A 540 -11.06 -39.14 1.72
CA VAL A 540 -11.13 -39.64 3.08
C VAL A 540 -10.93 -38.50 4.06
N GLN A 541 -9.96 -37.62 3.78
CA GLN A 541 -9.74 -36.45 4.63
C GLN A 541 -10.87 -35.44 4.53
N GLU A 542 -11.94 -35.76 3.80
CA GLU A 542 -13.11 -34.88 3.78
C GLU A 542 -14.34 -35.57 4.34
N THR A 543 -14.35 -36.90 4.37
CA THR A 543 -15.42 -37.60 5.10
C THR A 543 -15.23 -37.48 6.60
N LEU A 544 -13.99 -37.68 7.09
CA LEU A 544 -13.71 -37.51 8.50
C LEU A 544 -13.83 -36.04 8.91
N ALA A 545 -13.23 -35.14 8.14
CA ALA A 545 -13.31 -33.72 8.45
C ALA A 545 -14.74 -33.22 8.43
N GLU A 546 -15.63 -33.94 7.73
CA GLU A 546 -17.04 -33.60 7.76
C GLU A 546 -17.67 -34.00 9.09
N MET A 547 -17.34 -35.20 9.59
CA MET A 547 -17.99 -35.70 10.80
C MET A 547 -17.53 -34.93 12.04
N ILE A 548 -16.22 -34.69 12.17
CA ILE A 548 -15.75 -33.89 13.30
C ILE A 548 -16.27 -32.47 13.21
N ARG A 549 -16.54 -31.98 12.00
CA ARG A 549 -17.18 -30.68 11.86
C ARG A 549 -18.63 -30.69 12.32
N GLN A 550 -19.32 -31.80 12.05
CA GLN A 550 -20.72 -31.93 12.44
C GLN A 550 -20.87 -32.15 13.95
N HIS A 551 -19.76 -32.39 14.63
CA HIS A 551 -19.79 -32.67 16.06
C HIS A 551 -19.98 -31.42 16.93
N GLN A 552 -19.42 -30.31 16.48
CA GLN A 552 -19.52 -29.07 17.23
C GLN A 552 -20.97 -28.61 17.35
N SER A 593 -19.38 -48.54 7.99
CA SER A 593 -18.67 -47.77 6.98
C SER A 593 -17.39 -47.18 7.57
N LEU A 594 -17.42 -46.89 8.87
CA LEU A 594 -16.22 -46.39 9.53
C LEU A 594 -15.06 -47.37 9.51
N PRO A 595 -15.23 -48.65 9.88
CA PRO A 595 -14.07 -49.56 9.85
C PRO A 595 -13.45 -49.74 8.47
N GLU A 596 -14.27 -49.77 7.42
CA GLU A 596 -13.72 -49.91 6.07
C GLU A 596 -13.10 -48.62 5.59
N LEU A 597 -13.54 -47.48 6.14
CA LEU A 597 -12.94 -46.20 5.77
C LEU A 597 -11.47 -46.16 6.13
N THR A 598 -11.11 -46.70 7.31
CA THR A 598 -9.70 -46.90 7.63
C THR A 598 -9.08 -47.92 6.68
N LYS A 599 -9.82 -48.98 6.37
CA LYS A 599 -9.30 -50.01 5.46
C LYS A 599 -9.09 -49.46 4.06
N ARG A 600 -10.04 -48.64 3.56
CA ARG A 600 -9.88 -48.08 2.24
C ARG A 600 -8.67 -47.14 2.15
N LEU A 601 -8.28 -46.53 3.27
CA LEU A 601 -7.01 -45.80 3.30
C LEU A 601 -5.84 -46.75 3.06
N THR A 602 -5.86 -47.91 3.71
CA THR A 602 -4.81 -48.89 3.51
C THR A 602 -4.77 -49.37 2.06
N GLU A 603 -5.94 -49.49 1.42
CA GLU A 603 -5.98 -49.85 0.02
C GLU A 603 -5.31 -48.80 -0.86
N ALA A 604 -5.25 -47.55 -0.41
CA ALA A 604 -4.67 -46.46 -1.18
C ALA A 604 -3.41 -45.88 -0.55
N ASN A 605 -3.48 -45.50 0.73
CA ASN A 605 -2.33 -44.84 1.37
C ASN A 605 -1.13 -45.78 1.44
N GLN A 606 -1.37 -47.08 1.39
CA GLN A 606 -0.26 -48.02 1.28
C GLN A 606 0.08 -48.30 -0.19
N ARG A 607 -0.90 -48.17 -1.09
CA ARG A 607 -0.68 -48.51 -2.48
C ARG A 607 0.28 -47.54 -3.16
N MET A 608 0.03 -46.23 -3.01
CA MET A 608 0.87 -45.28 -3.72
C MET A 608 2.26 -45.16 -3.12
N ALA A 609 2.48 -45.73 -1.94
CA ALA A 609 3.82 -45.82 -1.37
C ALA A 609 4.69 -46.85 -2.09
N LYS A 610 4.07 -47.79 -2.81
CA LYS A 610 4.81 -48.81 -3.54
C LYS A 610 5.29 -48.33 -4.91
N PHE A 611 4.79 -47.20 -5.40
CA PHE A 611 5.24 -46.69 -6.67
C PHE A 611 6.68 -46.17 -6.56
N PRO A 612 7.41 -46.13 -7.67
CA PRO A 612 8.72 -45.49 -7.65
C PRO A 612 8.59 -44.01 -7.36
N GLU A 613 9.64 -43.45 -6.75
CA GLU A 613 9.61 -42.04 -6.37
C GLU A 613 9.45 -41.13 -7.57
N SER A 614 9.80 -41.61 -8.77
CA SER A 614 9.63 -40.82 -9.98
C SER A 614 8.17 -40.50 -10.27
N ILE A 615 7.26 -41.44 -10.02
CA ILE A 615 5.86 -41.24 -10.38
C ILE A 615 5.25 -40.09 -9.60
N LYS A 616 5.56 -40.04 -8.31
CA LYS A 616 5.04 -38.99 -7.43
C LYS A 616 5.84 -37.69 -7.50
N ALA A 617 7.03 -37.75 -8.10
CA ALA A 617 7.87 -36.57 -8.19
C ALA A 617 7.36 -35.59 -9.24
N TRP A 618 7.00 -36.08 -10.43
CA TRP A 618 6.66 -35.23 -11.54
C TRP A 618 5.17 -35.34 -11.86
N PRO A 619 4.49 -34.21 -12.03
CA PRO A 619 3.05 -34.25 -12.27
C PRO A 619 2.72 -34.79 -13.66
N PHE A 620 1.46 -35.13 -13.82
CA PHE A 620 0.99 -35.66 -15.06
C PHE A 620 -0.40 -35.12 -15.30
N PRO A 621 -0.85 -35.19 -16.55
CA PRO A 621 -2.23 -34.80 -16.84
C PRO A 621 -3.19 -35.87 -16.35
N ASP A 622 -4.44 -35.46 -16.13
CA ASP A 622 -5.45 -36.37 -15.61
C ASP A 622 -5.74 -37.46 -16.64
N VAL A 623 -5.22 -38.66 -16.40
CA VAL A 623 -5.33 -39.74 -17.38
C VAL A 623 -6.80 -40.10 -17.60
N LEU A 624 -7.60 -40.06 -16.53
CA LEU A 624 -9.02 -40.35 -16.69
C LEU A 624 -9.70 -39.34 -17.60
N GLU A 625 -9.37 -38.06 -17.43
CA GLU A 625 -9.91 -37.04 -18.32
C GLU A 625 -9.41 -37.24 -19.74
N CYS A 626 -8.13 -37.61 -19.90
CA CYS A 626 -7.60 -37.89 -21.23
C CYS A 626 -8.21 -39.16 -21.81
N CYS A 627 -8.80 -40.00 -20.96
CA CYS A 627 -9.48 -41.18 -21.47
C CYS A 627 -10.92 -40.87 -21.84
N LEU A 628 -11.51 -39.86 -21.23
CA LEU A 628 -12.85 -39.43 -21.61
C LEU A 628 -12.84 -38.78 -22.99
N VAL A 629 -11.90 -37.86 -23.21
CA VAL A 629 -11.87 -37.11 -24.46
C VAL A 629 -11.64 -38.04 -25.64
N LEU A 630 -10.70 -38.98 -25.51
CA LEU A 630 -10.43 -39.89 -26.62
C LEU A 630 -11.66 -40.74 -26.95
N LEU A 631 -12.42 -41.16 -25.96
CA LEU A 631 -13.59 -41.93 -26.30
C LEU A 631 -14.58 -40.99 -26.93
N LEU A 632 -14.77 -39.84 -26.29
CA LEU A 632 -15.71 -38.82 -26.76
C LEU A 632 -15.38 -38.38 -28.18
N ILE A 633 -14.10 -38.18 -28.46
CA ILE A 633 -13.70 -37.80 -29.81
C ILE A 633 -14.04 -38.93 -30.73
N ARG A 634 -13.71 -40.14 -30.33
CA ARG A 634 -13.98 -41.31 -31.14
C ARG A 634 -15.43 -41.53 -31.55
N SER A 635 -16.36 -40.86 -30.87
CA SER A 635 -17.78 -41.04 -31.16
C SER A 635 -18.29 -40.34 -32.43
N HIS A 636 -17.43 -39.63 -33.13
CA HIS A 636 -17.85 -38.93 -34.35
C HIS A 636 -17.55 -39.73 -35.61
N PHE A 637 -16.52 -40.53 -35.54
CA PHE A 637 -16.03 -41.34 -36.65
C PHE A 637 -16.49 -42.78 -36.51
N PRO A 638 -17.59 -43.16 -37.15
CA PRO A 638 -17.97 -44.57 -37.18
C PRO A 638 -16.98 -45.39 -37.99
N GLY A 639 -16.90 -46.68 -37.68
CA GLY A 639 -16.01 -47.58 -38.39
C GLY A 639 -14.54 -47.24 -38.23
N CYS A 640 -14.13 -46.95 -36.99
CA CYS A 640 -12.74 -46.66 -36.69
C CYS A 640 -12.11 -47.73 -35.80
N LEU A 641 -12.74 -48.01 -34.66
CA LEU A 641 -12.31 -49.03 -33.70
C LEU A 641 -11.06 -48.61 -32.95
N ALA A 642 -10.43 -47.52 -33.39
CA ALA A 642 -9.21 -46.97 -32.79
C ALA A 642 -8.21 -48.04 -32.39
N GLN A 643 -8.14 -49.13 -33.16
CA GLN A 643 -7.24 -50.27 -32.91
C GLN A 643 -7.44 -50.70 -31.46
N GLU A 644 -6.38 -50.99 -30.71
CA GLU A 644 -6.47 -51.32 -29.29
C GLU A 644 -6.59 -50.08 -28.42
N MET A 645 -6.36 -48.89 -28.98
CA MET A 645 -6.37 -47.66 -28.19
C MET A 645 -7.74 -47.42 -27.55
N GLN A 646 -8.82 -47.68 -28.30
CA GLN A 646 -10.16 -47.49 -27.75
C GLN A 646 -10.41 -48.42 -26.57
N GLN A 647 -9.99 -49.68 -26.71
CA GLN A 647 -10.24 -50.65 -25.64
C GLN A 647 -9.41 -50.33 -24.41
N GLN A 648 -8.14 -49.96 -24.59
CA GLN A 648 -7.29 -49.66 -23.45
C GLN A 648 -7.81 -48.47 -22.67
N ALA A 649 -8.28 -47.44 -23.37
CA ALA A 649 -8.93 -46.33 -22.69
C ALA A 649 -10.22 -46.77 -22.03
N GLN A 650 -10.98 -47.64 -22.69
CA GLN A 650 -12.19 -48.17 -22.09
C GLN A 650 -11.87 -48.99 -20.85
N GLU A 651 -10.84 -49.83 -20.92
CA GLU A 651 -10.47 -50.63 -19.75
C GLU A 651 -10.00 -49.77 -18.60
N LEU A 652 -9.22 -48.72 -18.90
CA LEU A 652 -8.72 -47.84 -17.84
C LEU A 652 -9.86 -47.11 -17.16
N LEU A 653 -10.88 -46.69 -17.93
CA LEU A 653 -11.99 -45.95 -17.35
C LEU A 653 -12.74 -46.78 -16.32
N GLN A 654 -12.98 -48.06 -16.62
CA GLN A 654 -13.72 -48.91 -15.70
C GLN A 654 -12.97 -49.11 -14.39
N LYS A 655 -11.64 -49.28 -14.48
CA LYS A 655 -10.87 -49.69 -13.31
C LYS A 655 -10.70 -48.57 -12.29
N TYR A 656 -10.65 -47.32 -12.73
CA TYR A 656 -10.45 -46.19 -11.82
C TYR A 656 -11.54 -45.14 -11.92
N GLY A 657 -12.65 -45.42 -12.59
CA GLY A 657 -13.68 -44.43 -12.76
C GLY A 657 -14.88 -44.66 -11.88
N ASN A 658 -15.19 -45.92 -11.57
CA ASN A 658 -16.29 -46.23 -10.67
C ASN A 658 -16.01 -45.69 -9.27
N THR A 659 -14.77 -45.77 -8.82
CA THR A 659 -14.39 -45.26 -7.51
C THR A 659 -14.55 -43.73 -7.46
#